data_2GIA
#
_entry.id   2GIA
#
_cell.length_a   60.270
_cell.length_b   85.700
_cell.length_c   86.860
_cell.angle_alpha   90.00
_cell.angle_beta   109.38
_cell.angle_gamma   90.00
#
_symmetry.space_group_name_H-M   'P 1 21 1'
#
loop_
_entity.id
_entity.type
_entity.pdbx_description
1 polymer 'mitochondrial RNA-binding protein 2'
2 polymer 'mitochondrial RNA-binding protein 1'
3 non-polymer 'ACETIC ACID'
4 water water
#
loop_
_entity_poly.entity_id
_entity_poly.type
_entity_poly.pdbx_seq_one_letter_code
_entity_poly.pdbx_strand_id
1 'polypeptide(L)'
;EAASSSDADGKEVGSSGEGNRATGGKWRRPSLAQQRARRAQLPPAFDVVHWNDEDISRGHLLRVLHRDTFVVLDYHRQAR
MLTEEGNKAERVVSVMLPAVYTARFLAVLEGRSEKVEVHSRYTNATFTPNPAAPYTFTLKCTSTRPAQQKQQVAGEEGDE
TFEWTVEFDVAESLMLQRFLTQALHYNTGFARTSV
;
A,G
2 'polypeptide(L)'
;ASTFSGVQSLPKFEIHDVRDDPAEGTMTRVAVDGKLLLISQYPQLGPRKVDPNDLSPQFDADRRISVRLRHVDLAYLVGV
CKERVPRHRMETKAYTLDFEKSAQGYHLHGKVHRVASQRMEDWSVKFDNHFAVTLEHFLESALDESFGFRQHYATRAAEG
GEKIAATSSAEGGARRKRSVSDTSRYH
;
B,D
#
loop_
_chem_comp.id
_chem_comp.type
_chem_comp.name
_chem_comp.formula
ACY non-polymer 'ACETIC ACID' 'C2 H4 O2'
#
# COMPACT_ATOMS: atom_id res chain seq x y z
N TRP A 27 -26.67 1.34 -18.18
CA TRP A 27 -27.65 0.33 -17.68
C TRP A 27 -28.16 0.59 -16.27
N ARG A 28 -29.44 0.29 -16.05
CA ARG A 28 -30.03 0.43 -14.71
C ARG A 28 -29.84 -0.90 -14.03
N ARG A 29 -29.00 -0.94 -13.01
CA ARG A 29 -28.72 -2.17 -12.29
C ARG A 29 -29.07 -2.06 -10.80
N PRO A 30 -30.36 -2.19 -10.47
CA PRO A 30 -30.83 -2.10 -9.09
C PRO A 30 -30.19 -3.08 -8.08
N SER A 31 -30.14 -4.37 -8.42
CA SER A 31 -29.54 -5.34 -7.49
C SER A 31 -28.07 -5.04 -7.30
N LEU A 32 -27.40 -4.67 -8.38
CA LEU A 32 -25.99 -4.35 -8.34
C LEU A 32 -25.75 -3.09 -7.48
N ALA A 33 -26.64 -2.12 -7.60
CA ALA A 33 -26.52 -0.89 -6.83
C ALA A 33 -26.74 -1.15 -5.34
N GLN A 34 -27.70 -2.03 -5.06
CA GLN A 34 -28.03 -2.37 -3.68
C GLN A 34 -26.87 -3.14 -3.07
N GLN A 35 -26.22 -3.96 -3.89
CA GLN A 35 -25.08 -4.76 -3.45
C GLN A 35 -23.92 -3.87 -3.00
N ARG A 36 -23.64 -2.82 -3.77
CA ARG A 36 -22.55 -1.92 -3.42
C ARG A 36 -22.93 -1.04 -2.23
N ALA A 37 -24.22 -0.74 -2.07
CA ALA A 37 -24.63 0.04 -0.92
C ALA A 37 -24.40 -0.83 0.34
N ARG A 38 -24.63 -2.14 0.20
CA ARG A 38 -24.47 -3.03 1.34
C ARG A 38 -22.99 -3.18 1.71
N ARG A 39 -22.13 -3.31 0.69
CA ARG A 39 -20.70 -3.47 0.96
C ARG A 39 -20.16 -2.23 1.63
N ALA A 40 -20.66 -1.06 1.26
CA ALA A 40 -20.20 0.18 1.86
C ALA A 40 -20.69 0.40 3.30
N GLN A 41 -21.92 -0.01 3.56
CA GLN A 41 -22.48 0.18 4.89
C GLN A 41 -21.94 -0.82 5.93
N LEU A 42 -21.82 -2.07 5.55
CA LEU A 42 -21.36 -3.07 6.51
C LEU A 42 -19.88 -2.94 6.83
N PRO A 43 -19.45 -3.54 7.94
CA PRO A 43 -18.03 -3.49 8.33
C PRO A 43 -17.13 -4.08 7.25
N PRO A 44 -15.96 -3.43 6.99
CA PRO A 44 -15.05 -4.00 6.00
C PRO A 44 -14.74 -5.42 6.52
N ALA A 45 -14.56 -6.40 5.65
CA ALA A 45 -14.35 -7.76 6.17
C ALA A 45 -13.89 -8.74 5.12
N PHE A 46 -13.44 -9.93 5.55
CA PHE A 46 -13.16 -11.01 4.60
C PHE A 46 -13.58 -12.31 5.31
N ASP A 47 -13.77 -13.38 4.53
CA ASP A 47 -14.21 -14.66 5.08
C ASP A 47 -13.15 -15.72 4.92
N VAL A 48 -12.99 -16.59 5.92
CA VAL A 48 -12.10 -17.73 5.88
C VAL A 48 -13.13 -18.86 5.86
N VAL A 49 -13.30 -19.46 4.68
CA VAL A 49 -14.34 -20.47 4.49
C VAL A 49 -13.78 -21.88 4.44
N HIS A 50 -14.24 -22.71 5.38
CA HIS A 50 -13.83 -24.11 5.55
C HIS A 50 -15.04 -25.07 5.68
N TRP A 51 -15.88 -25.07 4.65
CA TRP A 51 -17.09 -25.91 4.65
C TRP A 51 -16.72 -27.39 4.53
N ASN A 52 -17.57 -28.25 5.09
CA ASN A 52 -17.36 -29.69 5.01
C ASN A 52 -18.68 -30.45 4.89
N ASP A 53 -19.27 -30.46 3.70
CA ASP A 53 -20.54 -31.17 3.48
C ASP A 53 -20.39 -32.64 3.85
N GLU A 54 -19.20 -33.19 3.57
CA GLU A 54 -18.88 -34.57 3.87
C GLU A 54 -19.07 -34.84 5.35
N ASP A 55 -18.73 -33.86 6.17
CA ASP A 55 -18.85 -34.00 7.62
C ASP A 55 -19.15 -32.64 8.24
N ILE A 56 -20.42 -32.22 8.15
CA ILE A 56 -20.90 -30.95 8.69
C ILE A 56 -20.27 -30.48 9.99
N SER A 57 -20.02 -31.39 10.92
CA SER A 57 -19.44 -31.03 12.20
C SER A 57 -18.02 -30.47 12.12
N ARG A 58 -17.35 -30.69 11.00
CA ARG A 58 -15.99 -30.17 10.81
C ARG A 58 -15.99 -28.88 10.00
N GLY A 59 -17.14 -28.53 9.43
CA GLY A 59 -17.20 -27.33 8.62
C GLY A 59 -17.32 -26.07 9.43
N HIS A 60 -16.66 -25.00 9.00
CA HIS A 60 -16.77 -23.76 9.76
C HIS A 60 -16.45 -22.53 8.90
N LEU A 61 -16.74 -21.37 9.46
CA LEU A 61 -16.52 -20.10 8.76
C LEU A 61 -16.05 -19.06 9.77
N LEU A 62 -14.93 -18.39 9.47
CA LEU A 62 -14.47 -17.32 10.34
C LEU A 62 -14.58 -16.02 9.54
N ARG A 63 -15.34 -15.07 10.04
CA ARG A 63 -15.46 -13.77 9.37
C ARG A 63 -14.58 -12.83 10.19
N VAL A 64 -13.72 -12.09 9.50
CA VAL A 64 -12.81 -11.17 10.15
C VAL A 64 -13.28 -9.79 9.73
N LEU A 65 -13.63 -8.98 10.71
CA LEU A 65 -14.17 -7.67 10.40
C LEU A 65 -13.61 -6.54 11.19
N HIS A 66 -13.87 -5.33 10.70
CA HIS A 66 -13.38 -4.13 11.37
C HIS A 66 -14.59 -3.29 11.73
N ARG A 67 -14.83 -3.12 13.02
CA ARG A 67 -16.04 -2.39 13.46
C ARG A 67 -15.76 -1.55 14.68
N ASP A 68 -15.97 -0.23 14.57
CA ASP A 68 -15.78 0.68 15.70
C ASP A 68 -14.39 0.59 16.36
N THR A 69 -13.33 0.62 15.54
CA THR A 69 -11.94 0.54 16.00
C THR A 69 -11.49 -0.88 16.42
N PHE A 70 -12.40 -1.84 16.40
CA PHE A 70 -12.01 -3.18 16.77
C PHE A 70 -11.91 -4.12 15.56
N VAL A 71 -11.02 -5.10 15.68
CA VAL A 71 -10.97 -6.17 14.72
C VAL A 71 -11.84 -7.24 15.43
N VAL A 72 -12.84 -7.75 14.74
CA VAL A 72 -13.74 -8.75 15.33
C VAL A 72 -13.61 -10.10 14.63
N LEU A 73 -13.51 -11.19 15.40
CA LEU A 73 -13.42 -12.52 14.82
C LEU A 73 -14.75 -13.23 15.12
N ASP A 74 -15.58 -13.42 14.10
CA ASP A 74 -16.86 -14.14 14.28
C ASP A 74 -16.71 -15.58 13.79
N TYR A 75 -16.67 -16.53 14.72
CA TYR A 75 -16.53 -17.93 14.38
C TYR A 75 -17.90 -18.61 14.25
N HIS A 76 -18.14 -19.26 13.12
CA HIS A 76 -19.41 -19.95 12.84
C HIS A 76 -19.24 -21.43 12.58
N ARG A 77 -20.23 -22.22 12.96
CA ARG A 77 -20.15 -23.64 12.63
C ARG A 77 -20.98 -23.79 11.37
N GLN A 78 -20.75 -24.85 10.63
CA GLN A 78 -21.53 -25.04 9.42
C GLN A 78 -22.88 -25.59 9.87
N ALA A 79 -23.96 -25.00 9.36
CA ALA A 79 -25.32 -25.40 9.74
C ALA A 79 -25.95 -26.40 8.78
N ARG A 80 -25.62 -26.33 7.51
CA ARG A 80 -26.18 -27.25 6.54
C ARG A 80 -25.27 -27.44 5.33
N MET A 81 -25.48 -28.52 4.59
CA MET A 81 -24.66 -28.73 3.41
C MET A 81 -24.90 -27.60 2.43
N LEU A 82 -23.88 -27.30 1.63
CA LEU A 82 -23.98 -26.25 0.64
C LEU A 82 -25.04 -26.57 -0.41
N THR A 83 -25.52 -27.81 -0.43
CA THR A 83 -26.51 -28.22 -1.42
C THR A 83 -27.95 -27.88 -1.05
N GLU A 84 -28.26 -27.87 0.25
CA GLU A 84 -29.63 -27.54 0.69
C GLU A 84 -29.89 -26.05 0.82
N GLU A 85 -31.12 -25.75 1.22
CA GLU A 85 -31.60 -24.38 1.35
C GLU A 85 -31.43 -23.82 2.75
N GLY A 86 -31.29 -22.49 2.80
CA GLY A 86 -31.13 -21.78 4.06
C GLY A 86 -29.71 -21.40 4.40
N ASN A 87 -29.56 -20.66 5.50
CA ASN A 87 -28.25 -20.22 5.98
C ASN A 87 -27.26 -21.36 6.22
N LYS A 88 -26.09 -21.26 5.59
CA LYS A 88 -25.05 -22.27 5.71
C LYS A 88 -24.21 -22.20 6.96
N ALA A 89 -24.23 -21.06 7.65
CA ALA A 89 -23.46 -20.92 8.88
C ALA A 89 -24.28 -20.40 10.03
N GLU A 90 -23.82 -20.75 11.23
CA GLU A 90 -24.46 -20.30 12.45
C GLU A 90 -23.31 -19.78 13.33
N ARG A 91 -23.42 -18.55 13.83
CA ARG A 91 -22.36 -18.01 14.65
C ARG A 91 -22.34 -18.63 16.05
N VAL A 92 -21.16 -18.97 16.53
CA VAL A 92 -21.00 -19.59 17.84
C VAL A 92 -20.35 -18.66 18.83
N VAL A 93 -19.33 -17.94 18.39
CA VAL A 93 -18.67 -17.03 19.30
C VAL A 93 -18.08 -15.86 18.51
N SER A 94 -17.98 -14.71 19.17
CA SER A 94 -17.45 -13.51 18.54
C SER A 94 -16.37 -12.99 19.50
N VAL A 95 -15.17 -12.71 18.96
CA VAL A 95 -14.09 -12.18 19.79
C VAL A 95 -13.77 -10.76 19.32
N MET A 96 -13.95 -9.78 20.19
CA MET A 96 -13.63 -8.42 19.81
C MET A 96 -12.21 -8.06 20.26
N LEU A 97 -11.35 -7.70 19.33
CA LEU A 97 -9.98 -7.37 19.72
C LEU A 97 -9.71 -5.88 19.69
N PRO A 98 -9.25 -5.34 20.83
CA PRO A 98 -8.94 -3.91 20.90
C PRO A 98 -7.84 -3.57 19.85
N ALA A 99 -7.82 -2.31 19.40
CA ALA A 99 -6.84 -1.85 18.40
C ALA A 99 -5.40 -2.22 18.70
N VAL A 100 -5.04 -2.30 19.97
CA VAL A 100 -3.68 -2.63 20.31
C VAL A 100 -3.19 -4.00 19.80
N TYR A 101 -4.11 -4.94 19.62
CA TYR A 101 -3.73 -6.25 19.13
C TYR A 101 -3.33 -6.25 17.63
N THR A 102 -3.71 -5.21 16.89
CA THR A 102 -3.44 -5.19 15.45
C THR A 102 -1.96 -5.34 15.15
N ALA A 103 -1.13 -4.50 15.75
CA ALA A 103 0.32 -4.59 15.50
C ALA A 103 0.91 -5.90 16.02
N ARG A 104 0.34 -6.44 17.10
CA ARG A 104 0.81 -7.71 17.65
C ARG A 104 0.54 -8.89 16.71
N PHE A 105 -0.61 -8.88 16.03
CA PHE A 105 -0.93 -9.95 15.06
C PHE A 105 -0.04 -9.70 13.79
N LEU A 106 0.06 -8.45 13.38
CA LEU A 106 0.95 -8.13 12.24
C LEU A 106 2.40 -8.58 12.51
N ALA A 107 2.87 -8.43 13.75
CA ALA A 107 4.23 -8.84 14.07
C ALA A 107 4.39 -10.34 13.86
N VAL A 108 3.37 -11.11 14.16
CA VAL A 108 3.47 -12.57 13.95
C VAL A 108 3.43 -12.86 12.42
N LEU A 109 2.48 -12.24 11.73
CA LEU A 109 2.37 -12.45 10.28
C LEU A 109 3.62 -12.06 9.48
N GLU A 110 4.28 -11.01 9.94
CA GLU A 110 5.47 -10.48 9.31
C GLU A 110 6.74 -11.17 9.76
N GLY A 111 6.62 -12.15 10.66
CA GLY A 111 7.79 -12.89 11.07
C GLY A 111 8.64 -12.33 12.17
N ARG A 112 8.23 -11.22 12.77
CA ARG A 112 9.02 -10.63 13.84
C ARG A 112 8.71 -11.26 15.17
N SER A 113 7.49 -11.76 15.33
CA SER A 113 7.12 -12.39 16.60
C SER A 113 6.71 -13.84 16.39
N GLU A 114 6.94 -14.70 17.38
CA GLU A 114 6.59 -16.10 17.22
C GLU A 114 5.23 -16.36 17.80
N LYS A 115 4.62 -15.37 18.46
CA LYS A 115 3.30 -15.64 19.04
C LYS A 115 2.61 -14.40 19.62
N VAL A 116 1.30 -14.38 19.55
CA VAL A 116 0.54 -13.32 20.19
C VAL A 116 -0.50 -14.10 20.99
N GLU A 117 -0.72 -13.69 22.25
CA GLU A 117 -1.71 -14.34 23.12
C GLU A 117 -2.77 -13.30 23.43
N VAL A 118 -4.04 -13.70 23.35
CA VAL A 118 -5.16 -12.82 23.65
C VAL A 118 -5.77 -13.39 24.92
N HIS A 119 -5.80 -12.58 25.98
CA HIS A 119 -6.32 -13.00 27.28
C HIS A 119 -7.37 -12.06 27.80
N SER A 120 -8.53 -12.60 28.10
CA SER A 120 -9.61 -11.79 28.64
C SER A 120 -10.46 -12.69 29.51
N ARG A 121 -11.52 -12.12 30.07
CA ARG A 121 -12.45 -12.86 30.91
C ARG A 121 -13.07 -13.99 30.08
N TYR A 122 -13.46 -13.69 28.83
CA TYR A 122 -14.08 -14.70 27.97
C TYR A 122 -13.27 -15.39 26.85
N THR A 123 -12.02 -14.97 26.64
CA THR A 123 -11.20 -15.62 25.62
C THR A 123 -9.75 -15.84 26.03
N ASN A 124 -9.22 -16.99 25.65
CA ASN A 124 -7.83 -17.37 25.91
C ASN A 124 -7.46 -17.90 24.52
N ALA A 125 -6.68 -17.16 23.75
CA ALA A 125 -6.31 -17.60 22.41
C ALA A 125 -4.85 -17.32 22.08
N THR A 126 -4.31 -18.04 21.09
CA THR A 126 -2.95 -17.82 20.63
C THR A 126 -2.97 -17.77 19.11
N PHE A 127 -2.04 -17.02 18.50
CA PHE A 127 -1.94 -16.97 17.04
C PHE A 127 -0.45 -17.18 16.81
N THR A 128 -0.10 -18.24 16.09
CA THR A 128 1.29 -18.60 15.89
C THR A 128 1.53 -19.10 14.48
N PRO A 129 2.79 -19.08 14.06
CA PRO A 129 3.03 -19.61 12.71
C PRO A 129 2.84 -21.13 12.78
N ASN A 130 2.38 -21.71 11.68
CA ASN A 130 2.17 -23.17 11.58
C ASN A 130 3.47 -23.73 10.96
N PRO A 131 4.27 -24.46 11.73
CA PRO A 131 5.53 -24.99 11.18
C PRO A 131 5.42 -25.90 9.97
N ALA A 132 4.23 -26.43 9.74
CA ALA A 132 4.06 -27.36 8.60
C ALA A 132 4.07 -26.74 7.21
N ALA A 133 3.98 -25.41 7.11
CA ALA A 133 4.00 -24.78 5.80
C ALA A 133 4.44 -23.32 5.96
N PRO A 134 5.38 -22.88 5.13
CA PRO A 134 5.78 -21.48 5.28
C PRO A 134 4.63 -20.51 4.99
N TYR A 135 4.67 -19.40 5.69
CA TYR A 135 3.70 -18.33 5.56
C TYR A 135 2.25 -18.74 5.87
N THR A 136 2.09 -19.70 6.79
CA THR A 136 0.74 -20.11 7.18
C THR A 136 0.74 -19.99 8.70
N PHE A 137 -0.45 -19.86 9.26
CA PHE A 137 -0.62 -19.59 10.70
C PHE A 137 -1.82 -20.28 11.28
N THR A 138 -1.80 -20.38 12.61
CA THR A 138 -2.89 -21.06 13.31
C THR A 138 -3.46 -20.22 14.45
N LEU A 139 -4.78 -20.10 14.48
CA LEU A 139 -5.46 -19.36 15.55
C LEU A 139 -6.11 -20.48 16.42
N LYS A 140 -5.72 -20.57 17.68
CA LYS A 140 -6.30 -21.61 18.59
C LYS A 140 -6.95 -20.86 19.76
N CYS A 141 -8.19 -21.19 20.07
CA CYS A 141 -8.88 -20.45 21.11
C CYS A 141 -9.77 -21.34 21.98
N THR A 142 -9.90 -20.89 23.22
CA THR A 142 -10.78 -21.55 24.18
C THR A 142 -11.67 -20.38 24.59
N SER A 143 -12.96 -20.50 24.30
CA SER A 143 -13.87 -19.44 24.65
C SER A 143 -14.75 -19.92 25.82
N THR A 144 -15.03 -19.03 26.76
CA THR A 144 -15.86 -19.39 27.92
C THR A 144 -16.99 -18.40 28.02
N ARG A 145 -18.08 -18.84 28.66
CA ARG A 145 -19.27 -18.01 28.80
C ARG A 145 -19.89 -18.28 30.17
N PRO A 146 -20.51 -17.27 30.79
CA PRO A 146 -21.12 -17.49 32.11
C PRO A 146 -22.41 -18.29 32.01
N ASP A 159 -20.52 -21.69 33.71
CA ASP A 159 -19.42 -21.47 32.79
C ASP A 159 -19.29 -22.61 31.75
N GLU A 160 -19.86 -22.34 30.57
CA GLU A 160 -19.81 -23.28 29.44
C GLU A 160 -18.51 -22.91 28.69
N THR A 161 -17.90 -23.83 27.96
CA THR A 161 -16.67 -23.50 27.24
C THR A 161 -16.80 -24.02 25.82
N PHE A 162 -15.93 -23.52 24.94
CA PHE A 162 -15.95 -23.94 23.57
C PHE A 162 -14.56 -23.71 23.00
N GLU A 163 -13.93 -24.80 22.55
CA GLU A 163 -12.60 -24.76 21.98
C GLU A 163 -12.72 -24.80 20.46
N TRP A 164 -11.93 -23.97 19.79
CA TRP A 164 -11.98 -23.93 18.33
C TRP A 164 -10.61 -23.50 17.80
N THR A 165 -10.32 -23.91 16.56
CA THR A 165 -9.05 -23.62 15.88
C THR A 165 -9.35 -23.25 14.43
N VAL A 166 -8.69 -22.22 13.91
CA VAL A 166 -8.89 -21.88 12.50
C VAL A 166 -7.48 -21.82 11.91
N GLU A 167 -7.25 -22.60 10.85
CA GLU A 167 -5.96 -22.61 10.17
C GLU A 167 -6.00 -21.56 9.04
N PHE A 168 -4.92 -20.80 8.88
CA PHE A 168 -4.90 -19.79 7.79
C PHE A 168 -3.82 -20.30 6.83
N ASP A 169 -4.20 -20.64 5.60
CA ASP A 169 -3.21 -21.13 4.64
C ASP A 169 -2.47 -19.92 4.06
N VAL A 170 -1.65 -20.11 3.03
CA VAL A 170 -0.87 -18.98 2.52
C VAL A 170 -1.72 -17.82 2.05
N ALA A 171 -2.83 -18.11 1.36
CA ALA A 171 -3.70 -17.05 0.87
C ALA A 171 -4.46 -16.36 2.01
N GLU A 172 -5.04 -17.14 2.91
CA GLU A 172 -5.81 -16.59 4.02
C GLU A 172 -4.88 -15.77 4.93
N SER A 173 -3.65 -16.22 5.11
CA SER A 173 -2.71 -15.50 5.93
C SER A 173 -2.40 -14.14 5.28
N LEU A 174 -2.18 -14.16 3.97
CA LEU A 174 -1.87 -12.92 3.24
C LEU A 174 -3.09 -11.99 3.30
N MET A 175 -4.30 -12.53 3.17
CA MET A 175 -5.47 -11.68 3.28
C MET A 175 -5.55 -11.06 4.66
N LEU A 176 -5.26 -11.85 5.69
CA LEU A 176 -5.28 -11.29 7.04
C LEU A 176 -4.26 -10.18 7.18
N GLN A 177 -3.06 -10.39 6.64
CA GLN A 177 -2.04 -9.33 6.76
C GLN A 177 -2.42 -8.05 6.03
N ARG A 178 -3.00 -8.16 4.83
CA ARG A 178 -3.42 -6.96 4.09
C ARG A 178 -4.60 -6.31 4.80
N PHE A 179 -5.50 -7.12 5.32
CA PHE A 179 -6.68 -6.60 6.03
C PHE A 179 -6.27 -5.79 7.26
N LEU A 180 -5.38 -6.36 8.10
CA LEU A 180 -4.94 -5.65 9.30
C LEU A 180 -4.14 -4.40 8.92
N THR A 181 -3.35 -4.51 7.83
CA THR A 181 -2.59 -3.34 7.32
C THR A 181 -3.57 -2.23 6.99
N GLN A 182 -4.67 -2.54 6.28
CA GLN A 182 -5.69 -1.53 5.95
C GLN A 182 -6.39 -1.05 7.24
N ALA A 183 -6.71 -1.95 8.16
CA ALA A 183 -7.35 -1.52 9.41
C ALA A 183 -6.49 -0.50 10.17
N LEU A 184 -5.18 -0.76 10.25
CA LEU A 184 -4.28 0.15 10.96
C LEU A 184 -4.19 1.49 10.21
N HIS A 185 -4.13 1.44 8.89
CA HIS A 185 -4.04 2.66 8.07
C HIS A 185 -5.26 3.56 8.32
N TYR A 186 -6.45 2.98 8.20
CA TYR A 186 -7.66 3.78 8.38
C TYR A 186 -7.87 4.17 9.83
N ASN A 187 -7.61 3.25 10.74
CA ASN A 187 -7.81 3.60 12.15
C ASN A 187 -6.88 4.69 12.63
N THR A 188 -5.70 4.80 12.01
CA THR A 188 -4.73 5.80 12.37
C THR A 188 -5.12 7.22 11.89
N GLY A 189 -6.03 7.32 10.93
CA GLY A 189 -6.44 8.61 10.46
C GLY A 189 -5.97 8.98 9.07
N PHE A 190 -5.27 8.06 8.37
CA PHE A 190 -4.76 8.38 7.04
C PHE A 190 -5.78 8.62 5.94
N ALA A 191 -7.05 8.30 6.17
CA ALA A 191 -8.03 8.53 5.11
C ALA A 191 -8.90 9.72 5.41
N ARG A 192 -8.65 10.41 6.53
CA ARG A 192 -9.46 11.59 6.88
C ARG A 192 -9.18 12.73 5.89
N SER B 9 -7.37 16.64 12.95
CA SER B 9 -6.28 16.01 13.73
C SER B 9 -5.41 15.16 12.80
N LEU B 10 -4.10 15.28 12.97
CA LEU B 10 -3.15 14.55 12.14
C LEU B 10 -3.11 13.07 12.43
N PRO B 11 -2.79 12.28 11.40
CA PRO B 11 -2.67 10.84 11.62
C PRO B 11 -1.49 10.72 12.59
N LYS B 12 -1.59 9.83 13.58
CA LYS B 12 -0.50 9.67 14.54
C LYS B 12 -0.65 8.41 15.34
N PHE B 13 0.42 8.01 16.04
CA PHE B 13 0.33 6.93 17.02
C PHE B 13 1.12 7.41 18.25
N GLU B 14 0.81 6.83 19.41
CA GLU B 14 1.48 7.21 20.63
C GLU B 14 1.87 5.98 21.43
N ILE B 15 2.98 6.09 22.14
CA ILE B 15 3.44 5.03 23.04
C ILE B 15 3.40 5.65 24.43
N HIS B 16 2.52 5.15 25.28
CA HIS B 16 2.39 5.63 26.67
C HIS B 16 3.18 4.64 27.51
N ASP B 17 4.33 5.09 27.96
CA ASP B 17 5.19 4.26 28.77
C ASP B 17 5.21 4.81 30.21
N VAL B 18 4.17 4.52 30.96
CA VAL B 18 4.07 5.02 32.34
C VAL B 18 4.85 4.07 33.26
N ARG B 19 5.72 4.62 34.12
CA ARG B 19 6.58 3.87 35.05
C ARG B 19 6.32 4.18 36.51
N ASP B 20 6.72 3.26 37.39
CA ASP B 20 6.58 3.47 38.84
C ASP B 20 7.55 4.61 39.19
N ASP B 21 8.67 4.67 38.48
CA ASP B 21 9.60 5.78 38.70
C ASP B 21 9.37 6.80 37.59
N PRO B 22 8.60 7.86 37.87
CA PRO B 22 8.25 8.97 36.95
C PRO B 22 9.43 9.38 36.09
N ALA B 23 10.62 9.38 36.69
CA ALA B 23 11.79 9.82 35.97
C ALA B 23 12.03 9.09 34.64
N GLU B 24 11.67 7.82 34.60
CA GLU B 24 11.87 7.01 33.42
C GLU B 24 10.70 6.96 32.43
N GLY B 25 9.53 7.44 32.84
CA GLY B 25 8.37 7.41 31.98
C GLY B 25 8.30 8.49 30.89
N THR B 26 7.62 8.16 29.78
CA THR B 26 7.48 9.09 28.67
C THR B 26 6.24 8.75 27.88
N MET B 27 5.76 9.74 27.14
CA MET B 27 4.66 9.51 26.20
C MET B 27 5.34 9.95 24.88
N THR B 28 5.42 9.05 23.90
CA THR B 28 6.10 9.44 22.64
C THR B 28 5.04 9.50 21.54
N ARG B 29 5.05 10.53 20.74
CA ARG B 29 4.05 10.68 19.67
C ARG B 29 4.73 10.84 18.32
N VAL B 30 4.22 10.10 17.31
CA VAL B 30 4.73 10.21 15.94
C VAL B 30 3.51 10.61 15.12
N ALA B 31 3.59 11.78 14.47
CA ALA B 31 2.48 12.27 13.66
C ALA B 31 3.02 12.73 12.33
N VAL B 32 2.11 12.97 11.39
CA VAL B 32 2.57 13.48 10.08
C VAL B 32 1.57 14.51 9.56
N ASP B 33 2.11 15.61 9.08
CA ASP B 33 1.32 16.70 8.51
C ASP B 33 1.71 16.79 7.01
N GLY B 34 1.00 16.05 6.16
CA GLY B 34 1.32 16.03 4.72
C GLY B 34 2.66 15.35 4.47
N LYS B 35 3.67 16.13 4.15
CA LYS B 35 4.99 15.59 3.88
C LYS B 35 5.89 15.58 5.10
N LEU B 36 5.45 16.28 6.17
CA LEU B 36 6.31 16.47 7.33
C LEU B 36 6.02 15.69 8.61
N LEU B 37 6.95 14.81 8.95
CA LEU B 37 6.86 13.97 10.16
C LEU B 37 7.11 14.86 11.40
N LEU B 38 6.31 14.69 12.43
CA LEU B 38 6.47 15.45 13.68
C LEU B 38 6.64 14.42 14.79
N ILE B 39 7.80 14.41 15.43
CA ILE B 39 8.06 13.43 16.47
C ILE B 39 8.15 14.20 17.78
N SER B 40 7.36 13.79 18.77
CA SER B 40 7.26 14.46 20.05
C SER B 40 7.39 13.51 21.22
N GLN B 41 7.85 14.03 22.35
CA GLN B 41 7.89 13.18 23.51
C GLN B 41 7.66 14.04 24.76
N TYR B 42 6.87 13.52 25.69
CA TYR B 42 6.56 14.22 26.95
C TYR B 42 7.04 13.39 28.13
N PRO B 43 7.77 14.00 29.07
CA PRO B 43 8.27 13.27 30.25
C PRO B 43 7.06 12.98 31.14
N GLN B 44 7.08 11.84 31.83
CA GLN B 44 5.98 11.52 32.73
C GLN B 44 6.00 12.61 33.84
N LEU B 45 4.82 12.96 34.35
CA LEU B 45 4.68 13.97 35.42
C LEU B 45 4.13 13.23 36.65
N GLY B 46 4.99 13.04 37.65
CA GLY B 46 4.54 12.37 38.85
C GLY B 46 4.23 10.89 38.71
N PRO B 47 3.88 10.24 39.84
CA PRO B 47 3.55 8.82 39.91
C PRO B 47 2.42 8.48 38.95
N ARG B 48 2.32 7.21 38.61
CA ARG B 48 1.25 6.66 37.77
C ARG B 48 -0.08 7.09 38.41
N LYS B 49 -1.01 7.59 37.59
CA LYS B 49 -2.28 8.04 38.12
C LYS B 49 -3.15 6.88 38.55
N VAL B 50 -3.75 6.96 39.73
CA VAL B 50 -4.60 5.90 40.20
C VAL B 50 -6.04 6.35 40.43
N ASP B 51 -6.24 7.65 40.62
CA ASP B 51 -7.58 8.18 40.84
C ASP B 51 -8.20 8.80 39.59
N PRO B 52 -9.26 8.19 39.04
CA PRO B 52 -9.95 8.67 37.84
C PRO B 52 -10.53 10.07 38.02
N ASN B 53 -10.46 10.54 39.25
CA ASN B 53 -10.95 11.87 39.64
C ASN B 53 -9.83 12.91 39.43
N ASP B 54 -8.58 12.43 39.44
CA ASP B 54 -7.41 13.28 39.26
C ASP B 54 -7.48 13.83 37.83
N LEU B 55 -7.46 15.15 37.66
CA LEU B 55 -7.56 15.70 36.28
C LEU B 55 -6.21 16.25 35.83
N SER B 56 -5.19 16.04 36.65
CA SER B 56 -3.87 16.51 36.31
C SER B 56 -3.37 15.60 35.17
N PRO B 57 -2.50 16.11 34.32
CA PRO B 57 -1.97 15.34 33.20
C PRO B 57 -0.93 14.32 33.63
N GLN B 58 -0.97 13.15 33.00
CA GLN B 58 -0.01 12.11 33.36
C GLN B 58 1.37 12.45 32.84
N PHE B 59 1.43 13.28 31.80
CA PHE B 59 2.72 13.67 31.18
C PHE B 59 2.87 15.20 31.15
N ASP B 60 4.10 15.68 30.97
CA ASP B 60 4.38 17.11 31.02
C ASP B 60 4.59 17.80 29.69
N ALA B 61 3.51 18.34 29.11
CA ALA B 61 3.61 19.05 27.83
C ALA B 61 4.53 20.24 27.91
N ASP B 62 4.74 20.81 29.11
CA ASP B 62 5.60 21.96 29.17
C ASP B 62 7.07 21.64 29.19
N ARG B 63 7.43 20.35 29.18
CA ARG B 63 8.83 19.97 29.13
C ARG B 63 9.01 19.00 27.92
N ARG B 64 8.24 19.21 26.86
CA ARG B 64 8.31 18.28 25.73
C ARG B 64 9.46 18.51 24.76
N ILE B 65 9.75 17.46 23.98
CA ILE B 65 10.71 17.53 22.92
C ILE B 65 9.79 17.49 21.68
N SER B 66 10.10 18.30 20.66
CA SER B 66 9.27 18.29 19.46
C SER B 66 10.13 18.60 18.24
N VAL B 67 10.31 17.60 17.37
CA VAL B 67 11.14 17.80 16.20
C VAL B 67 10.33 17.62 14.91
N ARG B 68 10.76 18.33 13.87
CA ARG B 68 10.05 18.28 12.58
C ARG B 68 11.04 17.81 11.54
N LEU B 69 10.69 16.77 10.75
CA LEU B 69 11.60 16.27 9.73
C LEU B 69 11.15 16.76 8.32
N ARG B 70 11.98 16.54 7.32
CA ARG B 70 11.66 16.97 5.95
C ARG B 70 11.04 15.83 5.15
N HIS B 71 10.40 16.14 4.03
CA HIS B 71 9.82 15.09 3.23
C HIS B 71 10.85 14.02 2.89
N VAL B 72 12.08 14.43 2.54
CA VAL B 72 13.07 13.43 2.19
C VAL B 72 13.52 12.54 3.36
N ASP B 73 13.42 13.08 4.57
CA ASP B 73 13.79 12.29 5.76
C ASP B 73 12.77 11.18 5.92
N LEU B 74 11.51 11.49 5.62
CA LEU B 74 10.48 10.42 5.74
C LEU B 74 10.87 9.28 4.78
N ALA B 75 11.25 9.63 3.57
CA ALA B 75 11.66 8.60 2.61
C ALA B 75 12.90 7.84 3.12
N TYR B 76 13.86 8.55 3.72
CA TYR B 76 15.04 7.89 4.26
C TYR B 76 14.67 6.94 5.38
N LEU B 77 13.71 7.34 6.23
CA LEU B 77 13.34 6.44 7.32
C LEU B 77 12.72 5.17 6.76
N VAL B 78 11.92 5.29 5.70
CA VAL B 78 11.34 4.08 5.12
C VAL B 78 12.49 3.24 4.53
N GLY B 79 13.46 3.89 3.90
CA GLY B 79 14.61 3.18 3.38
C GLY B 79 15.38 2.41 4.47
N VAL B 80 15.45 2.96 5.68
CA VAL B 80 16.11 2.26 6.79
C VAL B 80 15.25 1.05 7.17
N CYS B 81 13.93 1.22 7.18
CA CYS B 81 13.05 0.09 7.51
C CYS B 81 13.21 -1.06 6.52
N LYS B 82 13.39 -0.65 5.26
CA LYS B 82 13.53 -1.59 4.13
C LYS B 82 14.94 -2.11 3.97
N GLU B 83 15.83 -1.61 4.82
CA GLU B 83 17.24 -2.00 4.82
C GLU B 83 17.98 -1.59 3.54
N ARG B 84 17.61 -0.47 2.95
CA ARG B 84 18.33 0.02 1.76
C ARG B 84 19.46 0.92 2.23
N VAL B 85 19.36 1.38 3.48
CA VAL B 85 20.43 2.16 4.09
C VAL B 85 20.45 1.75 5.55
N PRO B 86 21.65 1.69 6.14
CA PRO B 86 21.68 1.26 7.52
C PRO B 86 21.39 2.32 8.58
N ARG B 87 21.59 3.58 8.22
CA ARG B 87 21.39 4.65 9.17
C ARG B 87 21.12 5.92 8.43
N HIS B 88 20.28 6.78 9.00
CA HIS B 88 20.07 8.07 8.36
C HIS B 88 20.37 9.12 9.43
N ARG B 89 21.29 10.04 9.12
CA ARG B 89 21.62 11.10 10.07
C ARG B 89 20.95 12.41 9.61
N MET B 90 20.33 13.11 10.53
CA MET B 90 19.66 14.36 10.21
C MET B 90 20.23 15.44 11.09
N GLU B 91 20.74 16.50 10.47
CA GLU B 91 21.31 17.60 11.22
C GLU B 91 20.67 18.90 10.80
N THR B 92 20.16 19.64 11.79
CA THR B 92 19.58 20.93 11.50
C THR B 92 20.02 21.82 12.65
N LYS B 93 19.59 23.08 12.61
CA LYS B 93 19.92 24.00 13.67
C LYS B 93 19.27 23.53 14.96
N ALA B 94 18.13 22.85 14.86
CA ALA B 94 17.46 22.41 16.08
C ALA B 94 17.90 21.05 16.65
N TYR B 95 18.45 20.17 15.82
CA TYR B 95 18.78 18.86 16.37
C TYR B 95 19.75 18.12 15.48
N THR B 96 20.31 17.04 16.03
CA THR B 96 21.19 16.13 15.30
C THR B 96 20.68 14.78 15.70
N LEU B 97 20.11 14.03 14.75
CA LEU B 97 19.50 12.76 15.09
C LEU B 97 19.85 11.68 14.09
N ASP B 98 20.10 10.49 14.62
CA ASP B 98 20.34 9.32 13.77
C ASP B 98 19.15 8.39 13.92
N PHE B 99 18.76 7.76 12.82
CA PHE B 99 17.70 6.76 12.89
C PHE B 99 18.33 5.47 12.33
N GLU B 100 18.26 4.37 13.08
CA GLU B 100 18.84 3.13 12.55
C GLU B 100 18.04 1.91 12.97
N LYS B 101 18.22 0.82 12.24
CA LYS B 101 17.48 -0.41 12.51
C LYS B 101 18.30 -1.28 13.43
N SER B 102 17.69 -1.80 14.49
CA SER B 102 18.39 -2.66 15.44
C SER B 102 17.81 -4.09 15.36
N ALA B 103 18.35 -5.01 16.14
CA ALA B 103 17.85 -6.38 16.15
C ALA B 103 16.45 -6.42 16.72
N GLN B 104 16.14 -5.57 17.70
CA GLN B 104 14.79 -5.58 18.28
C GLN B 104 13.78 -4.61 17.64
N GLY B 105 14.28 -3.64 16.87
CA GLY B 105 13.38 -2.67 16.28
C GLY B 105 14.09 -1.49 15.67
N TYR B 106 13.78 -0.28 16.15
CA TYR B 106 14.42 0.93 15.61
C TYR B 106 14.86 1.84 16.75
N HIS B 107 15.89 2.65 16.49
CA HIS B 107 16.43 3.51 17.54
C HIS B 107 16.61 4.88 16.91
N LEU B 108 16.02 5.90 17.53
CA LEU B 108 16.14 7.29 17.02
C LEU B 108 16.88 7.99 18.20
N HIS B 109 17.99 8.66 17.92
CA HIS B 109 18.78 9.22 19.03
C HIS B 109 19.73 10.32 18.60
N GLY B 110 20.01 11.22 19.54
CA GLY B 110 20.95 12.31 19.28
C GLY B 110 20.76 13.47 20.23
N LYS B 111 20.99 14.67 19.71
CA LYS B 111 20.88 15.89 20.50
C LYS B 111 19.65 16.70 20.08
N VAL B 112 18.87 17.15 21.05
CA VAL B 112 17.65 17.93 20.75
C VAL B 112 17.49 18.92 21.91
N HIS B 113 16.55 19.83 21.80
CA HIS B 113 16.33 20.68 22.98
C HIS B 113 14.85 20.58 23.33
N ARG B 114 14.49 20.82 24.59
CA ARG B 114 13.09 20.79 24.98
C ARG B 114 12.38 22.10 24.60
N VAL B 115 11.07 22.14 24.75
CA VAL B 115 10.34 23.37 24.38
C VAL B 115 10.82 24.53 25.23
N ALA B 116 10.90 25.70 24.59
CA ALA B 116 11.34 26.92 25.25
C ALA B 116 12.63 26.71 26.04
N SER B 117 13.66 26.22 25.36
CA SER B 117 14.97 25.98 25.98
C SER B 117 15.95 25.80 24.82
N GLN B 118 17.16 26.36 24.97
CA GLN B 118 18.20 26.28 23.95
C GLN B 118 19.30 25.32 24.42
N ARG B 119 19.13 24.82 25.64
CA ARG B 119 20.04 23.89 26.30
C ARG B 119 19.88 22.48 25.70
N MET B 120 20.81 22.06 24.85
CA MET B 120 20.73 20.75 24.18
C MET B 120 20.94 19.59 25.12
N GLU B 121 20.26 18.47 24.86
CA GLU B 121 20.45 17.29 25.71
C GLU B 121 20.51 16.01 24.87
N ASP B 122 21.09 14.98 25.45
CA ASP B 122 21.20 13.69 24.77
C ASP B 122 19.85 13.02 24.92
N TRP B 123 19.34 12.49 23.83
CA TRP B 123 18.01 11.88 23.85
C TRP B 123 18.04 10.56 23.03
N SER B 124 17.24 9.60 23.45
CA SER B 124 17.17 8.32 22.77
C SER B 124 15.76 7.74 22.94
N VAL B 125 15.16 7.22 21.86
CA VAL B 125 13.87 6.54 21.99
C VAL B 125 13.93 5.31 21.06
N LYS B 126 13.33 4.21 21.49
CA LYS B 126 13.39 2.96 20.72
C LYS B 126 11.98 2.53 20.41
N PHE B 127 11.79 1.84 19.28
CA PHE B 127 10.47 1.32 18.88
C PHE B 127 10.79 -0.14 18.64
N ASP B 128 10.53 -0.95 19.66
CA ASP B 128 10.87 -2.38 19.59
C ASP B 128 9.66 -3.30 19.52
N ASN B 129 9.88 -4.51 19.01
CA ASN B 129 8.81 -5.49 18.93
C ASN B 129 7.55 -4.96 18.22
N HIS B 130 6.37 -5.11 18.81
CA HIS B 130 5.16 -4.66 18.11
C HIS B 130 5.17 -3.16 17.82
N PHE B 131 5.93 -2.37 18.61
CA PHE B 131 5.99 -0.93 18.32
C PHE B 131 6.88 -0.70 17.08
N ALA B 132 7.82 -1.61 16.80
CA ALA B 132 8.63 -1.47 15.57
C ALA B 132 7.68 -1.71 14.38
N VAL B 133 6.75 -2.66 14.52
CA VAL B 133 5.78 -2.90 13.43
C VAL B 133 4.85 -1.67 13.26
N THR B 134 4.41 -1.12 14.39
CA THR B 134 3.56 0.08 14.38
C THR B 134 4.28 1.24 13.63
N LEU B 135 5.56 1.42 13.95
CA LEU B 135 6.36 2.49 13.32
C LEU B 135 6.54 2.23 11.82
N GLU B 136 6.94 1.02 11.44
CA GLU B 136 7.08 0.69 10.02
C GLU B 136 5.77 0.98 9.25
N HIS B 137 4.63 0.50 9.76
CA HIS B 137 3.37 0.73 9.05
C HIS B 137 3.03 2.22 8.93
N PHE B 138 3.30 2.97 10.02
CA PHE B 138 3.01 4.39 10.02
C PHE B 138 3.87 5.11 8.99
N LEU B 139 5.16 4.82 8.96
CA LEU B 139 6.03 5.49 8.01
C LEU B 139 5.65 5.13 6.55
N GLU B 140 5.32 3.86 6.27
CA GLU B 140 4.98 3.50 4.88
C GLU B 140 3.67 4.18 4.49
N SER B 141 2.75 4.22 5.44
CA SER B 141 1.48 4.89 5.17
C SER B 141 1.71 6.38 4.93
N ALA B 142 2.51 6.99 5.78
CA ALA B 142 2.72 8.43 5.66
C ALA B 142 3.39 8.78 4.35
N LEU B 143 4.39 8.00 3.96
CA LEU B 143 5.07 8.31 2.71
C LEU B 143 4.06 8.14 1.54
N ASP B 144 3.27 7.06 1.57
CA ASP B 144 2.31 6.89 0.46
C ASP B 144 1.26 8.01 0.36
N GLU B 145 0.78 8.49 1.50
CA GLU B 145 -0.24 9.55 1.53
C GLU B 145 0.35 10.94 1.40
N SER B 146 1.67 11.05 1.41
CA SER B 146 2.33 12.36 1.43
C SER B 146 2.28 13.17 0.14
N PHE B 147 1.91 12.54 -0.95
CA PHE B 147 1.90 13.25 -2.21
C PHE B 147 0.62 14.02 -2.47
N GLY B 148 -0.45 13.63 -1.78
CA GLY B 148 -1.73 14.30 -1.94
C GLY B 148 -2.75 13.66 -2.86
N PHE B 149 -2.49 12.45 -3.31
CA PHE B 149 -3.44 11.78 -4.22
C PHE B 149 -4.85 11.66 -3.66
N ARG B 150 -4.98 11.22 -2.41
CA ARG B 150 -6.31 10.96 -1.88
C ARG B 150 -7.14 12.25 -1.80
N GLN B 151 -6.55 13.30 -1.25
CA GLN B 151 -7.26 14.58 -1.15
C GLN B 151 -7.51 15.22 -2.52
N HIS B 152 -6.60 15.02 -3.46
CA HIS B 152 -6.78 15.60 -4.79
C HIS B 152 -7.93 14.93 -5.54
N TYR B 153 -7.95 13.59 -5.57
CA TYR B 153 -9.00 12.83 -6.27
C TYR B 153 -10.36 12.82 -5.61
N ALA B 154 -10.42 13.21 -4.34
CA ALA B 154 -11.69 13.27 -3.62
C ALA B 154 -12.40 14.58 -3.96
N SER C 9 -17.94 1.43 -13.95
CA SER C 9 -16.67 1.00 -14.62
C SER C 9 -15.67 0.50 -13.58
N LEU C 10 -15.31 -0.77 -13.70
CA LEU C 10 -14.39 -1.43 -12.78
C LEU C 10 -12.91 -1.11 -13.02
N PRO C 11 -12.09 -1.15 -11.96
CA PRO C 11 -10.67 -0.89 -12.18
C PRO C 11 -10.23 -2.03 -13.11
N LYS C 12 -9.41 -1.73 -14.10
CA LYS C 12 -8.93 -2.77 -15.01
C LYS C 12 -7.68 -2.32 -15.77
N PHE C 13 -6.99 -3.27 -16.40
CA PHE C 13 -5.92 -2.90 -17.34
C PHE C 13 -6.15 -3.83 -18.55
N GLU C 14 -5.66 -3.45 -19.72
CA GLU C 14 -5.87 -4.24 -20.93
C GLU C 14 -4.59 -4.34 -21.72
N ILE C 15 -4.37 -5.48 -22.36
CA ILE C 15 -3.19 -5.68 -23.19
C ILE C 15 -3.75 -5.91 -24.61
N HIS C 16 -3.47 -4.96 -25.50
CA HIS C 16 -3.90 -5.00 -26.91
C HIS C 16 -2.76 -5.56 -27.76
N ASP C 17 -2.96 -6.72 -28.31
CA ASP C 17 -1.92 -7.33 -29.10
C ASP C 17 -2.51 -7.57 -30.52
N VAL C 18 -2.59 -6.52 -31.31
CA VAL C 18 -3.13 -6.59 -32.69
C VAL C 18 -2.05 -7.10 -33.65
N ARG C 19 -2.36 -8.13 -34.44
CA ARG C 19 -1.40 -8.68 -35.38
C ARG C 19 -1.79 -8.52 -36.85
N ASP C 20 -0.83 -8.87 -37.72
CA ASP C 20 -1.05 -8.86 -39.15
C ASP C 20 -1.88 -10.12 -39.37
N ASP C 21 -1.39 -11.26 -38.90
CA ASP C 21 -2.17 -12.48 -39.01
C ASP C 21 -3.19 -12.48 -37.85
N PRO C 22 -4.38 -11.90 -38.07
CA PRO C 22 -5.43 -11.81 -37.05
C PRO C 22 -5.65 -13.07 -36.25
N ALA C 23 -5.30 -14.22 -36.81
CA ALA C 23 -5.49 -15.47 -36.10
C ALA C 23 -4.77 -15.44 -34.77
N GLU C 24 -3.72 -14.63 -34.67
CA GLU C 24 -2.96 -14.60 -33.42
C GLU C 24 -3.10 -13.35 -32.56
N GLY C 25 -3.96 -12.43 -32.98
CA GLY C 25 -4.16 -11.19 -32.26
C GLY C 25 -5.16 -11.37 -31.13
N THR C 26 -4.96 -10.68 -30.01
CA THR C 26 -5.87 -10.78 -28.88
C THR C 26 -5.85 -9.47 -28.11
N MET C 27 -6.91 -9.27 -27.32
CA MET C 27 -7.00 -8.14 -26.41
C MET C 27 -7.28 -8.88 -25.09
N THR C 28 -6.41 -8.72 -24.09
CA THR C 28 -6.63 -9.42 -22.81
C THR C 28 -7.02 -8.36 -21.78
N ARG C 29 -8.03 -8.63 -20.96
CA ARG C 29 -8.48 -7.66 -19.95
C ARG C 29 -8.43 -8.28 -18.56
N VAL C 30 -7.93 -7.53 -17.58
CA VAL C 30 -7.90 -8.02 -16.21
C VAL C 30 -8.64 -6.91 -15.45
N ALA C 31 -9.75 -7.27 -14.80
CA ALA C 31 -10.60 -6.31 -14.08
C ALA C 31 -10.94 -6.90 -12.74
N VAL C 32 -11.45 -6.07 -11.84
CA VAL C 32 -11.83 -6.56 -10.52
C VAL C 32 -13.12 -5.88 -10.08
N ASP C 33 -14.03 -6.68 -9.55
CA ASP C 33 -15.31 -6.17 -9.02
C ASP C 33 -15.35 -6.53 -7.50
N GLY C 34 -14.86 -5.61 -6.66
CA GLY C 34 -14.80 -5.87 -5.21
C GLY C 34 -13.79 -6.95 -4.90
N LYS C 35 -14.28 -8.14 -4.54
CA LYS C 35 -13.43 -9.26 -4.20
C LYS C 35 -13.11 -10.19 -5.40
N LEU C 36 -13.83 -10.00 -6.50
CA LEU C 36 -13.75 -10.92 -7.63
C LEU C 36 -13.03 -10.46 -8.89
N LEU C 37 -11.93 -11.16 -9.24
CA LEU C 37 -11.14 -10.87 -10.44
C LEU C 37 -11.85 -11.46 -11.65
N LEU C 38 -11.93 -10.67 -12.71
CA LEU C 38 -12.54 -11.09 -13.98
C LEU C 38 -11.43 -11.00 -15.02
N ILE C 39 -11.02 -12.15 -15.54
CA ILE C 39 -9.95 -12.17 -16.56
C ILE C 39 -10.62 -12.57 -17.87
N SER C 40 -10.52 -11.70 -18.87
CA SER C 40 -11.15 -12.02 -20.13
C SER C 40 -10.21 -11.82 -21.33
N GLN C 41 -10.56 -12.44 -22.47
CA GLN C 41 -9.72 -12.26 -23.66
C GLN C 41 -10.59 -12.32 -24.92
N TYR C 42 -10.33 -11.39 -25.84
CA TYR C 42 -11.08 -11.24 -27.08
C TYR C 42 -10.19 -11.48 -28.27
N PRO C 43 -10.54 -12.45 -29.13
CA PRO C 43 -9.72 -12.74 -30.31
C PRO C 43 -9.86 -11.56 -31.29
N GLN C 44 -8.79 -11.28 -32.03
CA GLN C 44 -8.83 -10.22 -33.00
C GLN C 44 -9.93 -10.59 -34.02
N LEU C 45 -10.65 -9.59 -34.49
CA LEU C 45 -11.69 -9.81 -35.48
C LEU C 45 -11.24 -9.08 -36.73
N GLY C 46 -10.80 -9.84 -37.73
CA GLY C 46 -10.37 -9.24 -38.98
C GLY C 46 -8.98 -8.61 -38.94
N PRO C 47 -8.52 -8.15 -40.11
CA PRO C 47 -7.22 -7.52 -40.27
C PRO C 47 -7.09 -6.30 -39.35
N ARG C 48 -5.86 -5.91 -39.10
CA ARG C 48 -5.59 -4.74 -38.27
C ARG C 48 -6.31 -3.57 -38.92
N LYS C 49 -7.05 -2.79 -38.14
CA LYS C 49 -7.75 -1.64 -38.69
C LYS C 49 -6.75 -0.55 -39.02
N VAL C 50 -7.08 0.26 -40.02
CA VAL C 50 -6.24 1.37 -40.46
C VAL C 50 -7.10 2.63 -40.62
N ASP C 51 -8.21 2.51 -41.34
CA ASP C 51 -9.13 3.61 -41.58
C ASP C 51 -9.83 4.09 -40.28
N PRO C 52 -9.56 5.34 -39.84
CA PRO C 52 -10.11 5.99 -38.64
C PRO C 52 -11.63 6.12 -38.70
N ASN C 53 -12.15 5.99 -39.91
CA ASN C 53 -13.57 6.07 -40.21
C ASN C 53 -14.24 4.71 -39.93
N ASP C 54 -13.41 3.68 -39.80
CA ASP C 54 -13.89 2.32 -39.55
C ASP C 54 -14.27 2.22 -38.07
N LEU C 55 -15.57 2.20 -37.79
CA LEU C 55 -16.01 2.08 -36.41
C LEU C 55 -16.30 0.62 -36.03
N SER C 56 -15.92 -0.34 -36.87
CA SER C 56 -16.17 -1.74 -36.54
C SER C 56 -15.23 -2.12 -35.38
N PRO C 57 -15.56 -3.18 -34.66
CA PRO C 57 -14.64 -3.50 -33.55
C PRO C 57 -13.42 -4.28 -33.99
N GLN C 58 -12.29 -4.00 -33.34
CA GLN C 58 -11.05 -4.69 -33.66
C GLN C 58 -11.05 -6.08 -33.05
N PHE C 59 -11.83 -6.31 -31.99
CA PHE C 59 -11.82 -7.62 -31.37
C PHE C 59 -13.23 -8.21 -31.34
N ASP C 60 -13.30 -9.52 -31.19
CA ASP C 60 -14.57 -10.25 -31.20
C ASP C 60 -15.16 -10.71 -29.86
N ALA C 61 -16.12 -9.94 -29.36
CA ALA C 61 -16.80 -10.26 -28.09
C ALA C 61 -17.59 -11.57 -28.14
N ASP C 62 -18.12 -11.93 -29.30
CA ASP C 62 -18.91 -13.15 -29.40
C ASP C 62 -18.06 -14.39 -29.26
N ARG C 63 -16.74 -14.22 -29.33
CA ARG C 63 -15.86 -15.35 -29.18
C ARG C 63 -14.92 -15.19 -27.95
N ARG C 64 -15.31 -14.35 -27.01
CA ARG C 64 -14.48 -14.08 -25.84
C ARG C 64 -14.42 -15.20 -24.81
N ILE C 65 -13.34 -15.17 -24.03
CA ILE C 65 -13.08 -16.10 -22.96
C ILE C 65 -13.33 -15.20 -21.73
N SER C 66 -13.96 -15.73 -20.72
CA SER C 66 -14.24 -14.92 -19.54
C SER C 66 -14.29 -15.80 -18.30
N VAL C 67 -13.33 -15.61 -17.41
CA VAL C 67 -13.29 -16.42 -16.20
C VAL C 67 -13.37 -15.54 -14.97
N ARG C 68 -14.03 -16.04 -13.94
CA ARG C 68 -14.19 -15.31 -12.69
C ARG C 68 -13.49 -16.05 -11.57
N LEU C 69 -12.65 -15.34 -10.81
CA LEU C 69 -11.94 -16.00 -9.72
C LEU C 69 -12.57 -15.60 -8.37
N ARG C 70 -12.25 -16.36 -7.32
CA ARG C 70 -12.82 -16.11 -5.98
C ARG C 70 -11.89 -15.14 -5.24
N HIS C 71 -12.35 -14.60 -4.12
CA HIS C 71 -11.52 -13.69 -3.35
C HIS C 71 -10.21 -14.38 -2.93
N VAL C 72 -10.29 -15.64 -2.52
CA VAL C 72 -9.09 -16.32 -2.04
C VAL C 72 -8.09 -16.54 -3.20
N ASP C 73 -8.60 -16.67 -4.42
CA ASP C 73 -7.71 -16.84 -5.59
C ASP C 73 -6.92 -15.53 -5.84
N LEU C 74 -7.54 -14.38 -5.61
CA LEU C 74 -6.84 -13.12 -5.77
C LEU C 74 -5.65 -13.13 -4.76
N ALA C 75 -5.93 -13.56 -3.52
CA ALA C 75 -4.85 -13.61 -2.51
C ALA C 75 -3.76 -14.63 -2.90
N TYR C 76 -4.14 -15.80 -3.45
CA TYR C 76 -3.13 -16.77 -3.92
C TYR C 76 -2.29 -16.15 -5.06
N LEU C 77 -2.92 -15.40 -5.97
CA LEU C 77 -2.15 -14.81 -7.10
C LEU C 77 -1.13 -13.84 -6.56
N VAL C 78 -1.54 -13.01 -5.59
CA VAL C 78 -0.59 -12.12 -4.99
C VAL C 78 0.52 -12.97 -4.32
N GLY C 79 0.15 -14.05 -3.62
CA GLY C 79 1.19 -14.88 -3.02
C GLY C 79 2.22 -15.43 -4.04
N VAL C 80 1.77 -15.74 -5.24
CA VAL C 80 2.68 -16.22 -6.30
C VAL C 80 3.56 -15.05 -6.69
N CYS C 81 2.97 -13.84 -6.81
CA CYS C 81 3.82 -12.68 -7.15
C CYS C 81 4.91 -12.45 -6.09
N LYS C 82 4.53 -12.61 -4.83
CA LYS C 82 5.48 -12.42 -3.70
C LYS C 82 6.36 -13.63 -3.44
N GLU C 83 6.19 -14.66 -4.25
CA GLU C 83 6.95 -15.89 -4.16
C GLU C 83 6.74 -16.65 -2.84
N ARG C 84 5.58 -16.51 -2.23
CA ARG C 84 5.28 -17.29 -1.01
C ARG C 84 4.85 -18.70 -1.42
N VAL C 85 4.38 -18.83 -2.66
CA VAL C 85 4.00 -20.13 -3.23
C VAL C 85 4.46 -20.08 -4.67
N PRO C 86 4.94 -21.23 -5.19
CA PRO C 86 5.43 -21.37 -6.58
C PRO C 86 4.31 -21.18 -7.60
N ARG C 87 3.12 -21.67 -7.27
CA ARG C 87 2.02 -21.57 -8.20
C ARG C 87 0.68 -21.81 -7.55
N HIS C 88 -0.37 -21.57 -8.31
CA HIS C 88 -1.70 -21.76 -7.80
C HIS C 88 -2.54 -22.35 -8.90
N ARG C 89 -3.25 -23.43 -8.58
CA ARG C 89 -4.11 -24.08 -9.54
C ARG C 89 -5.52 -23.84 -9.08
N MET C 90 -6.38 -23.50 -10.03
CA MET C 90 -7.78 -23.25 -9.74
C MET C 90 -8.61 -24.14 -10.65
N GLU C 91 -9.66 -24.74 -10.10
CA GLU C 91 -10.52 -25.62 -10.88
C GLU C 91 -11.97 -25.41 -10.53
N THR C 92 -12.77 -25.19 -11.55
CA THR C 92 -14.19 -25.01 -11.37
C THR C 92 -14.80 -25.84 -12.49
N LYS C 93 -16.11 -25.80 -12.63
CA LYS C 93 -16.73 -26.56 -13.70
C LYS C 93 -16.41 -25.86 -15.03
N ALA C 94 -16.16 -24.55 -14.97
CA ALA C 94 -15.86 -23.78 -16.17
C ALA C 94 -14.42 -23.79 -16.65
N TYR C 95 -13.45 -24.02 -15.77
CA TYR C 95 -12.06 -24.01 -16.19
C TYR C 95 -11.10 -24.75 -15.27
N THR C 96 -9.90 -24.94 -15.77
CA THR C 96 -8.82 -25.51 -15.00
C THR C 96 -7.63 -24.62 -15.39
N LEU C 97 -7.11 -23.84 -14.44
CA LEU C 97 -6.00 -22.94 -14.72
C LEU C 97 -4.86 -22.97 -13.70
N ASP C 98 -3.64 -22.82 -14.18
CA ASP C 98 -2.48 -22.74 -13.31
C ASP C 98 -1.89 -21.35 -13.52
N PHE C 99 -1.44 -20.72 -12.42
CA PHE C 99 -0.81 -19.40 -12.47
C PHE C 99 0.56 -19.57 -11.81
N GLU C 100 1.62 -19.25 -12.53
CA GLU C 100 2.97 -19.40 -12.00
C GLU C 100 3.84 -18.28 -12.44
N LYS C 101 4.86 -18.00 -11.62
CA LYS C 101 5.79 -16.91 -11.93
C LYS C 101 6.83 -17.55 -12.84
N SER C 102 7.20 -16.89 -13.93
CA SER C 102 8.22 -17.40 -14.84
C SER C 102 9.47 -16.51 -14.68
N ALA C 103 10.51 -16.78 -15.45
CA ALA C 103 11.72 -15.96 -15.33
C ALA C 103 11.44 -14.57 -15.89
N GLN C 104 10.57 -14.48 -16.90
CA GLN C 104 10.24 -13.19 -17.53
C GLN C 104 8.95 -12.50 -17.01
N GLY C 105 8.10 -13.22 -16.30
CA GLY C 105 6.87 -12.60 -15.83
C GLY C 105 5.97 -13.64 -15.21
N TYR C 106 4.73 -13.73 -15.68
CA TYR C 106 3.78 -14.70 -15.14
C TYR C 106 3.08 -15.40 -16.30
N HIS C 107 2.65 -16.64 -16.05
CA HIS C 107 1.99 -17.48 -17.06
C HIS C 107 0.70 -18.03 -16.48
N LEU C 108 -0.42 -17.79 -17.14
CA LEU C 108 -1.72 -18.24 -16.73
C LEU C 108 -2.13 -19.19 -17.87
N HIS C 109 -2.43 -20.44 -17.55
CA HIS C 109 -2.76 -21.37 -18.61
C HIS C 109 -3.58 -22.58 -18.15
N GLY C 110 -4.20 -23.25 -19.11
CA GLY C 110 -4.97 -24.43 -18.79
C GLY C 110 -6.07 -24.60 -19.82
N LYS C 111 -7.23 -25.04 -19.36
CA LYS C 111 -8.37 -25.25 -20.23
C LYS C 111 -9.53 -24.36 -19.83
N VAL C 112 -10.12 -23.70 -20.82
CA VAL C 112 -11.28 -22.83 -20.65
C VAL C 112 -12.19 -23.09 -21.86
N HIS C 113 -13.32 -22.41 -21.88
CA HIS C 113 -14.22 -22.49 -23.03
C HIS C 113 -14.70 -21.06 -23.31
N ARG C 114 -14.94 -20.75 -24.58
CA ARG C 114 -15.41 -19.41 -24.94
C ARG C 114 -16.86 -19.21 -24.58
N VAL C 115 -17.36 -17.99 -24.70
CA VAL C 115 -18.75 -17.73 -24.34
C VAL C 115 -19.71 -18.51 -25.21
N ALA C 116 -20.78 -18.98 -24.58
CA ALA C 116 -21.83 -19.73 -25.28
C ALA C 116 -21.32 -20.90 -26.12
N SER C 117 -20.13 -21.40 -25.80
CA SER C 117 -19.57 -22.53 -26.52
C SER C 117 -19.05 -23.57 -25.55
N GLN C 118 -19.94 -24.45 -25.09
CA GLN C 118 -19.54 -25.50 -24.19
C GLN C 118 -18.62 -26.36 -25.06
N ARG C 119 -17.33 -26.30 -24.77
CA ARG C 119 -16.27 -27.02 -25.49
C ARG C 119 -14.95 -26.47 -24.98
N MET C 120 -14.19 -27.29 -24.28
CA MET C 120 -12.92 -26.87 -23.71
C MET C 120 -11.82 -26.75 -24.75
N GLU C 121 -10.83 -25.90 -24.46
CA GLU C 121 -9.70 -25.71 -25.34
C GLU C 121 -8.50 -25.24 -24.54
N ASP C 122 -7.31 -25.58 -25.00
CA ASP C 122 -6.09 -25.19 -24.34
C ASP C 122 -5.94 -23.70 -24.53
N TRP C 123 -5.48 -23.02 -23.49
CA TRP C 123 -5.31 -21.57 -23.54
C TRP C 123 -4.11 -21.16 -22.67
N SER C 124 -3.40 -20.13 -23.09
CA SER C 124 -2.26 -19.65 -22.38
C SER C 124 -2.08 -18.17 -22.62
N VAL C 125 -1.72 -17.44 -21.57
CA VAL C 125 -1.45 -16.01 -21.69
C VAL C 125 -0.33 -15.66 -20.72
N LYS C 126 0.58 -14.80 -21.16
CA LYS C 126 1.68 -14.41 -20.33
C LYS C 126 1.68 -12.91 -20.07
N PHE C 127 2.21 -12.55 -18.90
CA PHE C 127 2.31 -11.13 -18.54
C PHE C 127 3.79 -10.98 -18.25
N ASP C 128 4.52 -10.46 -19.24
CA ASP C 128 5.97 -10.31 -19.09
C ASP C 128 6.52 -8.90 -19.10
N ASN C 129 7.72 -8.74 -18.57
CA ASN C 129 8.41 -7.46 -18.52
C ASN C 129 7.52 -6.42 -17.87
N HIS C 130 7.33 -5.27 -18.53
CA HIS C 130 6.53 -4.22 -17.90
C HIS C 130 5.11 -4.68 -17.68
N PHE C 131 4.63 -5.64 -18.48
CA PHE C 131 3.29 -6.17 -18.25
C PHE C 131 3.28 -7.01 -16.94
N ALA C 132 4.42 -7.60 -16.56
CA ALA C 132 4.46 -8.32 -15.29
C ALA C 132 4.29 -7.31 -14.15
N VAL C 133 4.94 -6.16 -14.29
CA VAL C 133 4.85 -5.10 -13.26
C VAL C 133 3.43 -4.60 -13.20
N THR C 134 2.81 -4.40 -14.36
CA THR C 134 1.42 -3.96 -14.39
C THR C 134 0.50 -4.92 -13.67
N LEU C 135 0.66 -6.20 -13.94
CA LEU C 135 -0.16 -7.21 -13.29
C LEU C 135 0.12 -7.22 -11.74
N GLU C 136 1.39 -7.18 -11.33
CA GLU C 136 1.74 -7.20 -9.92
C GLU C 136 1.07 -6.08 -9.17
N HIS C 137 1.17 -4.89 -9.72
CA HIS C 137 0.58 -3.71 -9.09
C HIS C 137 -0.92 -3.81 -9.05
N PHE C 138 -1.51 -4.31 -10.14
CA PHE C 138 -2.98 -4.40 -10.21
C PHE C 138 -3.50 -5.39 -9.16
N LEU C 139 -2.85 -6.56 -9.08
CA LEU C 139 -3.30 -7.56 -8.09
C LEU C 139 -3.11 -7.04 -6.66
N GLU C 140 -1.98 -6.39 -6.38
CA GLU C 140 -1.80 -5.91 -5.00
C GLU C 140 -2.84 -4.86 -4.63
N SER C 141 -3.07 -3.92 -5.56
CA SER C 141 -4.10 -2.87 -5.38
C SER C 141 -5.48 -3.48 -5.17
N ALA C 142 -5.81 -4.42 -6.05
CA ALA C 142 -7.11 -5.09 -5.98
C ALA C 142 -7.30 -5.76 -4.62
N LEU C 143 -6.29 -6.49 -4.18
CA LEU C 143 -6.40 -7.19 -2.89
C LEU C 143 -6.58 -6.17 -1.73
N ASP C 144 -5.80 -5.09 -1.75
CA ASP C 144 -5.93 -4.08 -0.67
C ASP C 144 -7.30 -3.40 -0.64
N GLU C 145 -7.87 -3.15 -1.82
CA GLU C 145 -9.16 -2.48 -1.90
C GLU C 145 -10.32 -3.44 -1.83
N SER C 146 -10.05 -4.73 -1.76
CA SER C 146 -11.14 -5.72 -1.76
C SER C 146 -11.98 -5.84 -0.47
N PHE C 147 -11.56 -5.25 0.64
CA PHE C 147 -12.26 -5.43 1.90
C PHE C 147 -13.35 -4.42 2.14
N GLY C 148 -13.26 -3.30 1.43
CA GLY C 148 -14.23 -2.24 1.53
C GLY C 148 -13.92 -1.06 2.42
N PHE C 149 -12.67 -0.94 2.88
CA PHE C 149 -12.35 0.18 3.77
C PHE C 149 -12.61 1.55 3.18
N ARG C 150 -12.19 1.75 1.94
CA ARG C 150 -12.31 3.10 1.35
C ARG C 150 -13.75 3.55 1.22
N GLN C 151 -14.60 2.67 0.72
CA GLN C 151 -16.02 3.01 0.58
C GLN C 151 -16.72 3.13 1.93
N HIS C 152 -16.40 2.23 2.85
CA HIS C 152 -17.01 2.29 4.18
C HIS C 152 -16.69 3.62 4.87
N TYR C 153 -15.44 4.04 4.81
CA TYR C 153 -15.04 5.28 5.47
C TYR C 153 -15.46 6.53 4.74
N ALA C 154 -15.81 6.41 3.46
CA ALA C 154 -16.23 7.56 2.69
C ALA C 154 -17.68 7.85 3.03
N LYS D 26 -9.47 25.36 20.53
CA LYS D 26 -10.43 25.52 19.36
C LYS D 26 -9.94 26.69 18.56
N TRP D 27 -8.64 26.76 18.31
CA TRP D 27 -8.05 27.85 17.55
C TRP D 27 -8.55 28.16 16.17
N ARG D 28 -8.10 29.32 15.71
CA ARG D 28 -8.39 29.87 14.39
C ARG D 28 -7.05 29.92 13.68
N ARG D 29 -6.86 29.00 12.74
CA ARG D 29 -5.61 28.94 11.95
C ARG D 29 -5.83 29.50 10.54
N PRO D 30 -5.23 30.67 10.24
CA PRO D 30 -5.33 31.32 8.93
C PRO D 30 -4.63 30.52 7.81
N SER D 31 -3.30 30.48 7.89
CA SER D 31 -2.47 29.79 6.89
C SER D 31 -2.77 28.29 6.78
N LEU D 32 -2.97 27.65 7.92
CA LEU D 32 -3.27 26.22 7.97
C LEU D 32 -4.50 25.90 7.12
N ALA D 33 -5.50 26.77 7.16
CA ALA D 33 -6.70 26.58 6.37
C ALA D 33 -6.39 26.81 4.89
N GLN D 34 -5.55 27.81 4.62
CA GLN D 34 -5.20 28.16 3.24
C GLN D 34 -4.35 27.12 2.53
N GLN D 35 -3.32 26.61 3.19
CA GLN D 35 -2.48 25.63 2.54
C GLN D 35 -3.20 24.30 2.35
N ARG D 36 -4.21 24.03 3.18
CA ARG D 36 -5.01 22.80 3.06
C ARG D 36 -5.66 22.74 1.69
N ALA D 37 -6.33 23.83 1.33
CA ALA D 37 -6.99 23.92 0.03
C ALA D 37 -5.97 23.88 -1.12
N ARG D 38 -4.83 24.55 -0.94
CA ARG D 38 -3.74 24.60 -1.95
C ARG D 38 -3.30 23.17 -2.27
N ARG D 39 -2.94 22.43 -1.21
CA ARG D 39 -2.46 21.07 -1.37
C ARG D 39 -3.48 20.20 -2.08
N ALA D 40 -4.75 20.42 -1.75
CA ALA D 40 -5.81 19.62 -2.35
C ALA D 40 -6.04 19.93 -3.82
N GLN D 41 -6.02 21.21 -4.18
CA GLN D 41 -6.26 21.62 -5.57
C GLN D 41 -5.09 21.34 -6.52
N LEU D 42 -3.86 21.58 -6.08
CA LEU D 42 -2.71 21.38 -6.94
C LEU D 42 -2.46 19.90 -7.22
N PRO D 43 -1.70 19.61 -8.27
CA PRO D 43 -1.38 18.23 -8.66
C PRO D 43 -0.59 17.48 -7.58
N PRO D 44 -0.89 16.18 -7.41
CA PRO D 44 -0.13 15.40 -6.42
C PRO D 44 1.32 15.50 -6.92
N ALA D 45 2.30 15.60 -6.02
CA ALA D 45 3.68 15.79 -6.50
C ALA D 45 4.70 15.64 -5.39
N PHE D 46 5.96 15.55 -5.77
CA PHE D 46 7.04 15.62 -4.77
C PHE D 46 8.19 16.38 -5.47
N ASP D 47 9.10 16.95 -4.70
CA ASP D 47 10.21 17.70 -5.30
C ASP D 47 11.52 16.99 -5.11
N VAL D 48 12.40 17.05 -6.11
CA VAL D 48 13.73 16.46 -5.99
C VAL D 48 14.58 17.74 -6.01
N VAL D 49 15.09 18.11 -4.84
CA VAL D 49 15.81 19.36 -4.68
C VAL D 49 17.32 19.21 -4.64
N HIS D 50 17.99 19.89 -5.56
CA HIS D 50 19.45 19.82 -5.65
C HIS D 50 20.07 21.24 -5.76
N TRP D 51 19.80 22.05 -4.73
CA TRP D 51 20.28 23.42 -4.64
C TRP D 51 21.80 23.46 -4.49
N ASN D 52 22.39 24.56 -4.93
CA ASN D 52 23.81 24.75 -4.81
C ASN D 52 24.11 26.23 -4.88
N ASP D 53 24.15 26.90 -3.73
CA ASP D 53 24.44 28.34 -3.69
C ASP D 53 25.90 28.52 -4.09
N GLU D 54 26.75 27.65 -3.56
CA GLU D 54 28.18 27.70 -3.85
C GLU D 54 28.34 28.01 -5.34
N ASP D 55 27.50 27.38 -6.15
CA ASP D 55 27.52 27.55 -7.59
C ASP D 55 26.10 27.40 -8.16
N ILE D 56 25.36 28.52 -8.19
CA ILE D 56 23.99 28.58 -8.68
C ILE D 56 23.75 27.92 -10.04
N SER D 57 24.77 27.92 -10.89
CA SER D 57 24.62 27.37 -12.22
C SER D 57 24.47 25.84 -12.22
N ARG D 58 24.86 25.20 -11.11
CA ARG D 58 24.78 23.76 -11.01
C ARG D 58 23.63 23.26 -10.12
N GLY D 59 22.86 24.20 -9.58
CA GLY D 59 21.72 23.84 -8.74
C GLY D 59 20.45 23.70 -9.57
N HIS D 60 19.64 22.71 -9.26
CA HIS D 60 18.41 22.49 -10.01
C HIS D 60 17.32 21.87 -9.13
N LEU D 61 16.10 21.93 -9.64
CA LEU D 61 14.94 21.37 -8.98
C LEU D 61 14.10 20.60 -9.99
N LEU D 62 13.71 19.39 -9.62
CA LEU D 62 12.83 18.60 -10.49
C LEU D 62 11.59 18.39 -9.66
N ARG D 63 10.43 18.82 -10.19
CA ARG D 63 9.20 18.59 -9.48
C ARG D 63 8.56 17.50 -10.32
N VAL D 64 8.05 16.46 -9.63
CA VAL D 64 7.41 15.33 -10.30
C VAL D 64 5.96 15.41 -9.95
N LEU D 65 5.09 15.50 -10.95
CA LEU D 65 3.68 15.61 -10.61
C LEU D 65 2.78 14.74 -11.41
N HIS D 66 1.53 14.67 -10.97
CA HIS D 66 0.57 13.85 -11.66
C HIS D 66 -0.59 14.73 -12.09
N ARG D 67 -0.84 14.82 -13.38
CA ARG D 67 -1.91 15.71 -13.84
C ARG D 67 -2.58 15.17 -15.08
N ASP D 68 -3.91 15.05 -15.05
CA ASP D 68 -4.65 14.54 -16.21
C ASP D 68 -4.12 13.24 -16.79
N THR D 69 -3.88 12.24 -15.93
CA THR D 69 -3.36 10.92 -16.33
C THR D 69 -1.89 10.90 -16.79
N PHE D 70 -1.22 12.05 -16.75
CA PHE D 70 0.19 12.08 -17.12
C PHE D 70 1.08 12.25 -15.89
N VAL D 71 2.29 11.69 -15.96
CA VAL D 71 3.28 11.96 -14.94
C VAL D 71 4.06 13.10 -15.64
N VAL D 72 4.18 14.23 -14.99
CA VAL D 72 4.91 15.36 -15.54
C VAL D 72 6.24 15.60 -14.81
N LEU D 73 7.31 15.78 -15.57
CA LEU D 73 8.59 16.07 -14.96
C LEU D 73 8.88 17.55 -15.27
N ASP D 74 8.87 18.41 -14.26
CA ASP D 74 9.16 19.85 -14.46
C ASP D 74 10.58 20.14 -13.99
N TYR D 75 11.49 20.37 -14.93
CA TYR D 75 12.87 20.67 -14.58
C TYR D 75 13.14 22.17 -14.46
N HIS D 76 13.76 22.57 -13.35
CA HIS D 76 14.10 23.97 -13.04
C HIS D 76 15.59 24.16 -12.74
N ARG D 77 16.11 25.33 -13.08
CA ARG D 77 17.50 25.69 -12.77
C ARG D 77 17.40 26.60 -11.55
N GLN D 78 18.40 26.59 -10.68
CA GLN D 78 18.37 27.45 -9.51
C GLN D 78 18.46 28.89 -10.02
N ALA D 79 17.61 29.77 -9.51
CA ALA D 79 17.61 31.17 -9.95
C ALA D 79 18.64 32.01 -9.18
N ARG D 80 18.38 32.20 -7.90
CA ARG D 80 19.28 32.96 -7.05
C ARG D 80 19.62 32.11 -5.84
N MET D 81 20.66 32.48 -5.11
CA MET D 81 21.06 31.72 -3.93
C MET D 81 19.92 31.74 -2.91
N LEU D 82 19.87 30.73 -2.06
CA LEU D 82 18.80 30.62 -1.07
C LEU D 82 18.76 31.80 -0.10
N THR D 83 19.88 32.51 -0.01
CA THR D 83 20.00 33.66 0.88
C THR D 83 19.62 34.97 0.18
N GLU D 84 18.38 35.05 -0.28
CA GLU D 84 17.89 36.26 -0.93
C GLU D 84 16.44 36.13 -1.40
N GLU D 85 15.82 37.27 -1.64
CA GLU D 85 14.44 37.33 -2.10
C GLU D 85 14.28 36.76 -3.51
N GLY D 86 13.03 36.63 -3.94
CA GLY D 86 12.73 36.12 -5.27
C GLY D 86 12.62 34.61 -5.36
N ASN D 87 11.99 34.13 -6.44
CA ASN D 87 11.82 32.71 -6.65
C ASN D 87 13.19 32.06 -6.84
N LYS D 88 13.48 31.06 -6.02
CA LYS D 88 14.76 30.38 -6.12
C LYS D 88 14.92 29.49 -7.37
N ALA D 89 13.83 29.20 -8.06
CA ALA D 89 13.94 28.37 -9.24
C ALA D 89 13.10 28.88 -10.41
N GLU D 90 13.53 28.53 -11.63
CA GLU D 90 12.85 28.93 -12.84
C GLU D 90 12.73 27.69 -13.72
N ARG D 91 11.51 27.36 -14.12
CA ARG D 91 11.24 26.18 -14.94
C ARG D 91 11.83 26.33 -16.34
N VAL D 92 12.72 25.41 -16.68
CA VAL D 92 13.39 25.44 -17.96
C VAL D 92 12.71 24.54 -18.97
N VAL D 93 12.26 23.38 -18.52
CA VAL D 93 11.62 22.44 -19.42
C VAL D 93 10.66 21.50 -18.70
N SER D 94 9.61 21.07 -19.40
CA SER D 94 8.60 20.19 -18.82
C SER D 94 8.34 19.01 -19.77
N VAL D 95 8.50 17.79 -19.25
CA VAL D 95 8.30 16.55 -20.02
C VAL D 95 7.01 15.87 -19.54
N MET D 96 6.14 15.52 -20.46
CA MET D 96 4.93 14.87 -20.05
C MET D 96 4.97 13.44 -20.48
N LEU D 97 4.89 12.54 -19.52
CA LEU D 97 4.95 11.12 -19.79
C LEU D 97 3.54 10.53 -19.73
N PRO D 98 3.09 9.92 -20.82
CA PRO D 98 1.77 9.30 -20.92
C PRO D 98 1.74 8.12 -19.93
N ALA D 99 0.54 7.72 -19.56
CA ALA D 99 0.32 6.65 -18.61
C ALA D 99 1.05 5.36 -18.91
N VAL D 100 1.26 5.05 -20.17
CA VAL D 100 1.94 3.81 -20.51
C VAL D 100 3.36 3.71 -19.95
N TYR D 101 4.02 4.86 -19.72
CA TYR D 101 5.37 4.80 -19.18
C TYR D 101 5.44 4.48 -17.67
N THR D 102 4.34 4.56 -16.95
CA THR D 102 4.45 4.33 -15.50
C THR D 102 5.03 2.98 -15.15
N ALA D 103 4.44 1.93 -15.71
CA ALA D 103 4.92 0.60 -15.45
C ALA D 103 6.35 0.39 -15.93
N ARG D 104 6.80 1.10 -16.99
CA ARG D 104 8.19 0.93 -17.48
C ARG D 104 9.21 1.55 -16.54
N PHE D 105 8.86 2.69 -15.94
CA PHE D 105 9.73 3.31 -14.94
C PHE D 105 9.72 2.42 -13.70
N LEU D 106 8.53 1.92 -13.30
CA LEU D 106 8.44 1.05 -12.13
C LEU D 106 9.33 -0.17 -12.35
N ALA D 107 9.32 -0.70 -13.57
CA ALA D 107 10.12 -1.90 -13.82
C ALA D 107 11.60 -1.64 -13.55
N VAL D 108 12.07 -0.43 -13.81
CA VAL D 108 13.48 -0.11 -13.56
C VAL D 108 13.70 0.05 -12.03
N LEU D 109 12.83 0.80 -11.37
CA LEU D 109 12.93 1.00 -9.92
C LEU D 109 12.87 -0.32 -9.15
N GLU D 110 12.10 -1.27 -9.67
CA GLU D 110 11.92 -2.53 -8.95
C GLU D 110 12.93 -3.59 -9.36
N GLY D 111 13.87 -3.21 -10.23
CA GLY D 111 14.94 -4.11 -10.64
C GLY D 111 14.68 -5.13 -11.72
N ARG D 112 13.53 -5.05 -12.37
CA ARG D 112 13.21 -6.00 -13.40
C ARG D 112 13.75 -5.58 -14.76
N SER D 113 13.93 -4.27 -14.96
CA SER D 113 14.42 -3.75 -16.22
C SER D 113 15.66 -2.90 -15.99
N GLU D 114 16.60 -2.91 -16.93
CA GLU D 114 17.81 -2.13 -16.72
C GLU D 114 17.69 -0.74 -17.31
N LYS D 115 16.62 -0.50 -18.07
CA LYS D 115 16.44 0.81 -18.67
C LYS D 115 15.08 1.08 -19.26
N VAL D 116 14.70 2.36 -19.27
CA VAL D 116 13.46 2.76 -19.92
C VAL D 116 13.84 3.99 -20.73
N GLU D 117 13.44 4.01 -22.00
CA GLU D 117 13.72 5.13 -22.91
C GLU D 117 12.45 5.86 -23.28
N VAL D 118 12.51 7.18 -23.28
CA VAL D 118 11.36 8.00 -23.66
C VAL D 118 11.82 8.76 -24.91
N HIS D 119 11.06 8.65 -25.99
CA HIS D 119 11.39 9.34 -27.27
C HIS D 119 10.21 10.13 -27.80
N SER D 120 10.45 11.40 -28.07
CA SER D 120 9.47 12.33 -28.61
C SER D 120 10.21 13.30 -29.51
N ARG D 121 9.48 14.22 -30.15
CA ARG D 121 10.12 15.20 -31.02
C ARG D 121 10.61 16.38 -30.19
N TYR D 122 10.41 16.28 -28.89
CA TYR D 122 10.85 17.30 -27.96
C TYR D 122 11.73 16.68 -26.89
N THR D 123 11.59 15.38 -26.68
CA THR D 123 12.39 14.71 -25.65
C THR D 123 13.00 13.37 -26.01
N ASN D 124 14.23 13.17 -25.58
CA ASN D 124 14.94 11.92 -25.77
C ASN D 124 15.60 11.64 -24.41
N ALA D 125 14.96 10.80 -23.60
CA ALA D 125 15.51 10.52 -22.26
C ALA D 125 15.59 9.05 -21.89
N THR D 126 16.47 8.73 -20.93
CA THR D 126 16.63 7.39 -20.39
C THR D 126 16.60 7.45 -18.86
N PHE D 127 16.17 6.36 -18.22
CA PHE D 127 16.13 6.27 -16.77
C PHE D 127 16.75 4.90 -16.53
N THR D 128 17.84 4.89 -15.77
CA THR D 128 18.57 3.68 -15.53
C THR D 128 19.12 3.65 -14.12
N PRO D 129 19.53 2.47 -13.65
CA PRO D 129 20.11 2.37 -12.29
C PRO D 129 21.49 3.03 -12.36
N ASN D 130 21.93 3.59 -11.25
CA ASN D 130 23.25 4.21 -11.21
C ASN D 130 24.19 3.19 -10.55
N PRO D 131 25.21 2.73 -11.28
CA PRO D 131 26.20 1.76 -10.81
C PRO D 131 26.88 2.15 -9.49
N ALA D 132 27.07 3.45 -9.29
CA ALA D 132 27.74 3.98 -8.10
C ALA D 132 27.19 3.53 -6.74
N ALA D 133 25.90 3.18 -6.66
CA ALA D 133 25.31 2.79 -5.39
C ALA D 133 23.99 2.02 -5.57
N PRO D 134 23.77 0.96 -4.78
CA PRO D 134 22.51 0.21 -4.95
C PRO D 134 21.30 1.09 -4.69
N TYR D 135 20.22 0.77 -5.37
CA TYR D 135 18.99 1.49 -5.18
C TYR D 135 19.04 2.97 -5.55
N THR D 136 19.94 3.37 -6.46
CA THR D 136 20.02 4.77 -6.91
C THR D 136 19.84 4.73 -8.43
N PHE D 137 19.33 5.82 -8.98
CA PHE D 137 19.00 5.85 -10.38
C PHE D 137 19.34 7.19 -10.99
N THR D 138 19.36 7.20 -12.33
CA THR D 138 19.70 8.42 -13.06
C THR D 138 18.75 8.75 -14.20
N LEU D 139 18.23 9.97 -14.22
CA LEU D 139 17.37 10.45 -15.31
C LEU D 139 18.30 11.36 -16.17
N LYS D 140 18.49 10.99 -17.44
CA LYS D 140 19.34 11.76 -18.40
C LYS D 140 18.43 12.11 -19.56
N CYS D 141 18.40 13.37 -19.94
CA CYS D 141 17.51 13.80 -20.99
C CYS D 141 18.11 14.89 -21.88
N THR D 142 17.76 14.84 -23.15
CA THR D 142 18.20 15.87 -24.08
C THR D 142 16.90 16.42 -24.62
N SER D 143 16.55 17.64 -24.25
CA SER D 143 15.31 18.24 -24.74
C SER D 143 15.57 19.09 -25.99
N THR D 144 14.53 19.27 -26.80
CA THR D 144 14.62 20.09 -28.02
C THR D 144 13.32 20.85 -28.24
N ARG D 145 13.44 22.03 -28.83
CA ARG D 145 12.29 22.89 -29.11
C ARG D 145 12.61 23.74 -30.34
N PRO D 146 11.58 24.33 -30.97
CA PRO D 146 11.77 25.17 -32.15
C PRO D 146 12.53 26.47 -31.81
N ASP D 159 16.26 25.88 -34.07
CA ASP D 159 16.18 24.61 -33.37
C ASP D 159 17.01 24.66 -32.08
N GLU D 160 16.31 24.58 -30.95
CA GLU D 160 16.97 24.67 -29.66
C GLU D 160 17.08 23.33 -28.95
N THR D 161 18.13 23.20 -28.14
CA THR D 161 18.37 21.96 -27.42
C THR D 161 18.87 22.24 -26.00
N PHE D 162 18.44 21.41 -25.05
CA PHE D 162 18.87 21.55 -23.65
C PHE D 162 19.06 20.17 -23.01
N GLU D 163 20.28 19.89 -22.57
CA GLU D 163 20.62 18.62 -21.94
C GLU D 163 20.63 18.74 -20.42
N TRP D 164 19.99 17.79 -19.75
CA TRP D 164 19.96 17.84 -18.29
C TRP D 164 19.91 16.44 -17.69
N THR D 165 20.37 16.32 -16.45
CA THR D 165 20.43 15.04 -15.73
C THR D 165 19.97 15.25 -14.30
N VAL D 166 19.20 14.29 -13.77
CA VAL D 166 18.75 14.37 -12.37
C VAL D 166 19.09 13.03 -11.73
N GLU D 167 19.92 13.07 -10.68
CA GLU D 167 20.32 11.88 -9.94
C GLU D 167 19.27 11.65 -8.84
N PHE D 168 18.91 10.39 -8.63
CA PHE D 168 17.97 10.05 -7.59
C PHE D 168 18.73 9.19 -6.58
N ASP D 169 18.95 9.68 -5.37
CA ASP D 169 19.62 8.86 -4.36
C ASP D 169 18.62 7.83 -3.79
N VAL D 170 19.01 7.08 -2.76
CA VAL D 170 18.15 6.05 -2.20
C VAL D 170 16.78 6.56 -1.78
N ALA D 171 16.75 7.69 -1.11
CA ALA D 171 15.48 8.28 -0.66
C ALA D 171 14.64 8.76 -1.83
N GLU D 172 15.25 9.52 -2.74
CA GLU D 172 14.52 10.07 -3.89
C GLU D 172 13.97 8.99 -4.82
N SER D 173 14.68 7.89 -4.96
CA SER D 173 14.26 6.80 -5.80
C SER D 173 13.05 6.12 -5.15
N LEU D 174 13.13 5.93 -3.83
CA LEU D 174 12.02 5.32 -3.08
C LEU D 174 10.80 6.24 -3.24
N MET D 175 11.02 7.55 -3.11
CA MET D 175 9.93 8.48 -3.29
C MET D 175 9.29 8.34 -4.67
N LEU D 176 10.12 8.22 -5.71
CA LEU D 176 9.57 8.08 -7.05
C LEU D 176 8.81 6.74 -7.18
N GLN D 177 9.34 5.66 -6.60
CA GLN D 177 8.64 4.38 -6.71
C GLN D 177 7.26 4.45 -6.02
N ARG D 178 7.18 5.07 -4.84
CA ARG D 178 5.86 5.16 -4.15
C ARG D 178 4.93 6.11 -4.90
N PHE D 179 5.48 7.21 -5.41
CA PHE D 179 4.69 8.17 -6.16
C PHE D 179 4.06 7.50 -7.39
N LEU D 180 4.89 6.81 -8.19
CA LEU D 180 4.40 6.12 -9.37
C LEU D 180 3.43 5.02 -8.97
N THR D 181 3.70 4.35 -7.86
CA THR D 181 2.74 3.30 -7.40
C THR D 181 1.37 3.93 -7.13
N GLN D 182 1.37 5.07 -6.42
CA GLN D 182 0.08 5.77 -6.16
C GLN D 182 -0.53 6.24 -7.49
N ALA D 183 0.28 6.84 -8.39
CA ALA D 183 -0.32 7.31 -9.66
C ALA D 183 -0.97 6.16 -10.44
N LEU D 184 -0.32 5.00 -10.48
CA LEU D 184 -0.87 3.87 -11.22
C LEU D 184 -2.17 3.41 -10.52
N HIS D 185 -2.15 3.36 -9.19
CA HIS D 185 -3.34 2.93 -8.38
C HIS D 185 -4.56 3.83 -8.66
N TYR D 186 -4.35 5.14 -8.57
CA TYR D 186 -5.42 6.09 -8.83
C TYR D 186 -5.82 6.12 -10.31
N ASN D 187 -4.86 6.14 -11.24
CA ASN D 187 -5.20 6.18 -12.65
C ASN D 187 -5.97 4.95 -13.12
N THR D 188 -5.76 3.84 -12.43
CA THR D 188 -6.46 2.62 -12.79
C THR D 188 -7.90 2.66 -12.31
N GLY D 189 -8.21 3.55 -11.39
CA GLY D 189 -9.58 3.65 -10.91
C GLY D 189 -9.87 3.04 -9.53
N PHE D 190 -8.81 2.66 -8.81
CA PHE D 190 -9.02 2.04 -7.51
C PHE D 190 -9.55 2.96 -6.43
N ALA D 191 -9.59 4.27 -6.67
CA ALA D 191 -10.11 5.17 -5.65
C ALA D 191 -11.48 5.66 -6.00
N ARG D 192 -12.04 5.21 -7.12
CA ARG D 192 -13.38 5.68 -7.48
C ARG D 192 -14.33 5.21 -6.38
C ACY E . -5.53 -21.61 24.06
O ACY E . -6.46 -22.38 24.45
OXT ACY E . -5.42 -21.39 22.82
CH3 ACY E . -4.51 -20.92 24.93
C ACY F . 19.79 10.84 -23.74
O ACY F . 19.91 9.84 -22.97
OXT ACY F . 18.77 10.94 -24.59
CH3 ACY F . 20.75 11.94 -23.76
#